data_4HY4
#
_entry.id   4HY4
#
_cell.length_a   30.645
_cell.length_b   68.591
_cell.length_c   117.592
_cell.angle_alpha   90.00
_cell.angle_beta   90.00
_cell.angle_gamma   90.00
#
_symmetry.space_group_name_H-M   'P 21 21 21'
#
loop_
_entity.id
_entity.type
_entity.pdbx_description
1 polymer 'Baculoviral IAP repeat-containing protein 2'
2 non-polymer 'ZINC ION'
3 non-polymer (3S,8aR)-2-{(2S)-2-cyclohexyl-2-[(N-methyl-L-alanyl)amino]acetyl}-N-[(1R)-1,2,3,4-tetrahydronaphthalen-1-yl]octahydropyrrolo[1,2-a]pyrazine-3-carboxamide
4 water water
#
_entity_poly.entity_id   1
_entity_poly.type   'polypeptide(L)'
_entity_poly.pdbx_seq_one_letter_code
;MGSSHHHHHHSSGENLYFQGGSSISNLSMQTHAARMRTFMYWPSSVPVQPEQLASAGFYYVGRNDDVKCFCCDGGLRCWE
SGDDPWVEHAKWFPRCEFLIRMKGQEFVDEIQGRY
;
_entity_poly.pdbx_strand_id   A,B
#
# COMPACT_ATOMS: atom_id res chain seq x y z
N ILE A 24 10.00 10.98 0.62
CA ILE A 24 9.84 10.54 -0.80
C ILE A 24 8.44 9.98 -1.00
N SER A 25 7.78 10.40 -2.08
CA SER A 25 6.45 9.87 -2.44
C SER A 25 6.54 8.42 -2.93
N ASN A 26 5.76 7.53 -2.32
CA ASN A 26 5.73 6.13 -2.76
C ASN A 26 5.34 5.98 -4.22
N LEU A 27 4.39 6.80 -4.68
CA LEU A 27 3.96 6.75 -6.09
C LEU A 27 5.11 7.10 -7.03
N SER A 28 6.00 8.00 -6.62
CA SER A 28 7.17 8.37 -7.40
C SER A 28 8.21 7.25 -7.50
N MET A 29 8.05 6.18 -6.71
CA MET A 29 9.00 5.08 -6.65
C MET A 29 8.48 3.81 -7.32
N GLN A 30 7.42 3.91 -8.13
CA GLN A 30 6.85 2.74 -8.80
C GLN A 30 7.75 2.14 -9.88
N THR A 31 8.71 2.89 -10.40
CA THR A 31 9.58 2.35 -11.44
C THR A 31 11.02 2.19 -10.94
N HIS A 32 11.70 1.18 -11.46
CA HIS A 32 13.06 0.83 -11.07
C HIS A 32 14.06 1.99 -11.17
N ALA A 33 14.02 2.73 -12.27
CA ALA A 33 14.97 3.82 -12.48
C ALA A 33 14.84 4.89 -11.41
N ALA A 34 13.62 5.21 -11.01
CA ALA A 34 13.36 6.19 -9.96
C ALA A 34 13.96 5.71 -8.64
N ARG A 35 13.75 4.44 -8.32
CA ARG A 35 14.30 3.87 -7.08
C ARG A 35 15.82 3.89 -7.08
N MET A 36 16.42 3.58 -8.22
CA MET A 36 17.88 3.58 -8.29
C MET A 36 18.50 4.93 -7.93
N ARG A 37 17.90 6.02 -8.38
CA ARG A 37 18.49 7.34 -8.14
C ARG A 37 18.42 7.77 -6.68
N THR A 38 17.63 7.08 -5.85
CA THR A 38 17.57 7.44 -4.43
C THR A 38 18.82 6.97 -3.66
N PHE A 39 19.66 6.14 -4.27
CA PHE A 39 20.82 5.52 -3.56
C PHE A 39 22.18 6.25 -3.62
N MET A 40 22.19 7.53 -3.89
CA MET A 40 23.47 8.22 -4.12
C MET A 40 24.53 8.13 -3.02
N TYR A 41 24.14 8.48 -1.79
CA TYR A 41 25.04 8.45 -0.62
C TYR A 41 24.93 7.15 0.16
N TRP A 42 24.35 6.12 -0.47
CA TRP A 42 24.25 4.78 0.14
C TRP A 42 25.62 4.34 0.58
N PRO A 43 25.77 3.88 1.84
CA PRO A 43 27.10 3.52 2.33
C PRO A 43 27.72 2.35 1.56
N SER A 44 28.93 2.56 1.05
CA SER A 44 29.66 1.55 0.27
C SER A 44 30.03 0.32 1.11
N SER A 45 30.06 0.48 2.43
CA SER A 45 30.41 -0.62 3.32
C SER A 45 29.30 -1.68 3.44
N VAL A 46 28.07 -1.33 3.06
CA VAL A 46 26.95 -2.26 3.17
C VAL A 46 27.10 -3.32 2.07
N PRO A 47 27.06 -4.62 2.46
CA PRO A 47 27.28 -5.72 1.52
C PRO A 47 26.05 -6.16 0.72
N VAL A 48 25.20 -5.21 0.35
CA VAL A 48 24.11 -5.44 -0.59
C VAL A 48 24.06 -4.19 -1.47
N GLN A 49 23.88 -4.38 -2.78
CA GLN A 49 24.01 -3.27 -3.73
C GLN A 49 22.66 -2.68 -4.12
N PRO A 50 22.64 -1.37 -4.45
CA PRO A 50 21.42 -0.70 -4.89
C PRO A 50 20.65 -1.43 -5.98
N GLU A 51 21.34 -1.98 -6.99
CA GLU A 51 20.65 -2.67 -8.08
C GLU A 51 19.75 -3.80 -7.56
N GLN A 52 20.28 -4.60 -6.62
CA GLN A 52 19.50 -5.72 -6.07
C GLN A 52 18.33 -5.22 -5.22
N LEU A 53 18.56 -4.14 -4.49
CA LEU A 53 17.52 -3.56 -3.67
C LEU A 53 16.40 -2.96 -4.51
N ALA A 54 16.77 -2.14 -5.50
CA ALA A 54 15.78 -1.51 -6.35
C ALA A 54 14.94 -2.55 -7.12
N SER A 55 15.58 -3.63 -7.57
CA SER A 55 14.86 -4.69 -8.28
C SER A 55 13.78 -5.33 -7.42
N ALA A 56 14.05 -5.45 -6.12
CA ALA A 56 13.11 -6.05 -5.19
C ALA A 56 12.10 -5.04 -4.61
N GLY A 57 12.04 -3.85 -5.19
CA GLY A 57 11.00 -2.86 -4.86
C GLY A 57 11.44 -1.76 -3.91
N PHE A 58 12.70 -1.79 -3.49
CA PHE A 58 13.17 -0.93 -2.40
C PHE A 58 13.83 0.35 -2.90
N TYR A 59 13.61 1.43 -2.15
CA TYR A 59 14.31 2.70 -2.37
C TYR A 59 14.90 3.16 -1.03
N TYR A 60 15.91 4.02 -1.13
CA TYR A 60 16.67 4.46 0.04
C TYR A 60 16.00 5.66 0.67
N VAL A 61 15.75 5.61 1.97
CA VAL A 61 15.09 6.75 2.64
C VAL A 61 16.07 7.79 3.17
N GLY A 62 17.37 7.57 3.01
CA GLY A 62 18.35 8.62 3.28
C GLY A 62 18.93 8.62 4.66
N ARG A 63 18.71 7.54 5.41
CA ARG A 63 19.25 7.37 6.74
C ARG A 63 19.93 6.01 6.80
N ASN A 64 21.21 6.00 7.19
CA ASN A 64 21.94 4.76 7.43
C ASN A 64 21.80 3.77 6.25
N ASP A 65 21.27 2.55 6.47
CA ASP A 65 20.95 1.63 5.36
C ASP A 65 19.47 1.29 5.29
N ASP A 66 18.62 2.21 5.73
CA ASP A 66 17.16 2.02 5.73
C ASP A 66 16.57 2.13 4.33
N VAL A 67 15.80 1.12 3.94
CA VAL A 67 15.07 1.13 2.67
C VAL A 67 13.60 0.81 2.91
N LYS A 68 12.74 1.26 1.99
CA LYS A 68 11.32 0.94 2.03
C LYS A 68 10.84 0.44 0.67
N CYS A 69 9.82 -0.42 0.69
CA CYS A 69 9.20 -0.91 -0.52
C CYS A 69 8.17 0.08 -1.04
N PHE A 70 8.21 0.36 -2.34
CA PHE A 70 7.26 1.32 -2.94
C PHE A 70 5.80 0.84 -2.85
N CYS A 71 5.59 -0.47 -2.82
CA CYS A 71 4.25 -1.05 -2.90
C CYS A 71 3.62 -1.19 -1.53
N CYS A 72 4.32 -1.87 -0.62
CA CYS A 72 3.77 -2.23 0.70
C CYS A 72 4.26 -1.33 1.83
N ASP A 73 5.22 -0.46 1.55
CA ASP A 73 5.81 0.47 2.51
C ASP A 73 6.57 -0.22 3.63
N GLY A 74 6.90 -1.50 3.47
CA GLY A 74 7.69 -2.19 4.48
C GLY A 74 9.12 -1.67 4.50
N GLY A 75 9.65 -1.48 5.69
CA GLY A 75 11.02 -0.99 5.90
C GLY A 75 11.96 -2.08 6.32
N LEU A 76 13.14 -2.13 5.70
CA LEU A 76 14.20 -3.06 6.06
C LEU A 76 15.51 -2.32 6.30
N ARG A 77 16.31 -2.84 7.22
CA ARG A 77 17.61 -2.26 7.54
C ARG A 77 18.58 -3.34 8.00
N CYS A 78 19.81 -2.92 8.27
CA CYS A 78 20.87 -3.79 8.79
C CYS A 78 21.10 -4.99 7.87
N TRP A 79 21.35 -4.65 6.63
CA TRP A 79 21.66 -5.64 5.60
C TRP A 79 22.97 -6.35 5.98
N GLU A 80 22.98 -7.67 5.80
CA GLU A 80 24.11 -8.54 6.15
C GLU A 80 24.68 -9.18 4.88
N SER A 81 25.94 -9.60 4.95
CA SER A 81 26.57 -10.31 3.84
C SER A 81 25.75 -11.54 3.46
N GLY A 82 25.52 -11.70 2.16
CA GLY A 82 24.75 -12.83 1.64
C GLY A 82 23.25 -12.61 1.61
N ASP A 83 22.76 -11.49 2.14
CA ASP A 83 21.32 -11.22 2.10
C ASP A 83 20.84 -11.09 0.66
N ASP A 84 19.67 -11.68 0.39
CA ASP A 84 18.98 -11.54 -0.89
C ASP A 84 17.76 -10.67 -0.65
N PRO A 85 17.72 -9.46 -1.21
CA PRO A 85 16.55 -8.61 -0.93
C PRO A 85 15.16 -9.23 -1.19
N TRP A 86 15.02 -10.10 -2.18
CA TRP A 86 13.73 -10.75 -2.41
C TRP A 86 13.35 -11.69 -1.26
N VAL A 87 14.34 -12.42 -0.75
CA VAL A 87 14.11 -13.31 0.38
C VAL A 87 13.76 -12.50 1.61
N GLU A 88 14.46 -11.41 1.87
CA GLU A 88 14.16 -10.59 3.04
C GLU A 88 12.78 -9.93 2.92
N HIS A 89 12.41 -9.51 1.71
CA HIS A 89 11.07 -8.97 1.44
C HIS A 89 10.01 -10.00 1.82
N ALA A 90 10.20 -11.24 1.40
CA ALA A 90 9.25 -12.32 1.70
C ALA A 90 9.25 -12.76 3.16
N LYS A 91 10.40 -12.67 3.82
CA LYS A 91 10.51 -13.06 5.21
C LYS A 91 9.72 -12.11 6.11
N TRP A 92 9.80 -10.82 5.84
CA TRP A 92 9.21 -9.83 6.75
C TRP A 92 7.91 -9.20 6.25
N PHE A 93 7.70 -9.19 4.92
CA PHE A 93 6.52 -8.53 4.33
C PHE A 93 5.84 -9.43 3.30
N PRO A 94 5.42 -10.64 3.72
CA PRO A 94 4.94 -11.65 2.79
C PRO A 94 3.65 -11.33 2.05
N ARG A 95 2.86 -10.36 2.52
CA ARG A 95 1.60 -10.01 1.84
C ARG A 95 1.76 -8.96 0.74
N CYS A 96 2.97 -8.47 0.50
CA CYS A 96 3.19 -7.47 -0.53
C CYS A 96 2.80 -8.00 -1.92
N GLU A 97 1.93 -7.26 -2.58
CA GLU A 97 1.44 -7.69 -3.88
C GLU A 97 2.49 -7.59 -4.99
N PHE A 98 3.38 -6.61 -4.93
CA PHE A 98 4.50 -6.54 -5.88
C PHE A 98 5.39 -7.77 -5.76
N LEU A 99 5.76 -8.11 -4.53
CA LEU A 99 6.53 -9.31 -4.25
C LEU A 99 5.85 -10.56 -4.81
N ILE A 100 4.55 -10.69 -4.57
CA ILE A 100 3.84 -11.87 -5.03
C ILE A 100 3.79 -11.93 -6.55
N ARG A 101 3.51 -10.81 -7.20
CA ARG A 101 3.47 -10.82 -8.66
C ARG A 101 4.82 -11.12 -9.29
N MET A 102 5.92 -10.72 -8.66
CA MET A 102 7.25 -10.92 -9.24
C MET A 102 7.81 -12.30 -8.95
N LYS A 103 7.63 -12.78 -7.72
CA LYS A 103 8.27 -14.01 -7.26
C LYS A 103 7.30 -15.17 -7.06
N GLY A 104 6.02 -14.87 -6.94
CA GLY A 104 5.00 -15.89 -6.76
C GLY A 104 4.66 -16.22 -5.31
N GLN A 105 3.40 -16.57 -5.08
CA GLN A 105 2.94 -17.00 -3.77
C GLN A 105 3.69 -18.23 -3.27
N GLU A 106 4.08 -19.13 -4.17
CA GLU A 106 4.80 -20.34 -3.74
C GLU A 106 6.15 -19.99 -3.08
N PHE A 107 6.90 -19.09 -3.70
CA PHE A 107 8.17 -18.61 -3.14
C PHE A 107 7.95 -18.03 -1.74
N VAL A 108 6.94 -17.19 -1.61
CA VAL A 108 6.65 -16.55 -0.35
C VAL A 108 6.23 -17.57 0.71
N ASP A 109 5.36 -18.50 0.34
CA ASP A 109 4.92 -19.54 1.26
C ASP A 109 6.10 -20.28 1.87
N GLU A 110 7.04 -20.69 1.03
CA GLU A 110 8.18 -21.46 1.51
C GLU A 110 9.04 -20.64 2.48
N ILE A 111 9.26 -19.36 2.16
CA ILE A 111 10.03 -18.50 3.05
C ILE A 111 9.32 -18.32 4.39
N GLN A 112 7.99 -18.36 4.39
CA GLN A 112 7.18 -18.35 5.60
C GLN A 112 7.05 -19.70 6.31
N GLY A 113 7.75 -20.72 5.83
CA GLY A 113 7.74 -22.02 6.47
C GLY A 113 6.46 -22.81 6.24
N ARG A 114 5.80 -22.55 5.11
CA ARG A 114 4.63 -23.31 4.70
C ARG A 114 4.99 -24.16 3.49
N TYR A 115 5.08 -25.46 3.70
CA TYR A 115 5.51 -26.41 2.68
C TYR A 115 4.40 -27.37 2.25
N GLY B 21 -1.60 20.57 11.21
CA GLY B 21 -2.65 21.52 10.79
C GLY B 21 -3.93 20.82 10.36
N SER B 22 -3.90 20.24 9.16
CA SER B 22 -5.05 19.52 8.61
C SER B 22 -5.36 18.25 9.42
N SER B 23 -6.64 17.89 9.51
CA SER B 23 -7.07 16.67 10.23
C SER B 23 -7.07 15.39 9.36
N ILE B 24 -6.64 15.55 8.13
CA ILE B 24 -6.53 14.45 7.18
C ILE B 24 -5.37 13.52 7.54
N SER B 25 -5.61 12.21 7.49
CA SER B 25 -4.59 11.22 7.83
C SER B 25 -3.44 11.15 6.81
N ASN B 26 -3.78 11.09 5.53
CA ASN B 26 -2.80 10.91 4.46
C ASN B 26 -2.99 11.96 3.39
N LEU B 27 -2.26 13.06 3.52
CA LEU B 27 -2.40 14.19 2.61
C LEU B 27 -2.04 13.84 1.17
N SER B 28 -1.08 12.93 1.00
CA SER B 28 -0.65 12.55 -0.35
C SER B 28 -1.76 11.84 -1.14
N MET B 29 -2.76 11.33 -0.44
CA MET B 29 -3.87 10.60 -1.06
C MET B 29 -5.17 11.40 -1.08
N GLN B 30 -5.07 12.73 -0.93
CA GLN B 30 -6.26 13.58 -0.89
C GLN B 30 -6.94 13.73 -2.26
N THR B 31 -6.20 13.55 -3.35
CA THR B 31 -6.82 13.64 -4.68
C THR B 31 -7.22 12.27 -5.22
N HIS B 32 -8.34 12.26 -5.94
CA HIS B 32 -8.82 11.07 -6.60
C HIS B 32 -7.76 10.49 -7.53
N ALA B 33 -7.07 11.34 -8.28
CA ALA B 33 -6.09 10.87 -9.24
C ALA B 33 -4.94 10.13 -8.56
N ALA B 34 -4.48 10.64 -7.43
CA ALA B 34 -3.43 9.94 -6.68
C ALA B 34 -3.91 8.59 -6.13
N ARG B 35 -5.12 8.57 -5.60
CA ARG B 35 -5.68 7.33 -5.10
C ARG B 35 -5.77 6.30 -6.23
N MET B 36 -6.22 6.71 -7.41
CA MET B 36 -6.30 5.79 -8.55
C MET B 36 -4.95 5.17 -8.90
N ARG B 37 -3.88 5.94 -8.81
CA ARG B 37 -2.56 5.41 -9.15
C ARG B 37 -2.10 4.29 -8.23
N THR B 38 -2.61 4.24 -7.01
CA THR B 38 -2.25 3.17 -6.09
C THR B 38 -2.83 1.81 -6.47
N PHE B 39 -3.81 1.77 -7.36
CA PHE B 39 -4.47 0.52 -7.73
C PHE B 39 -3.82 -0.20 -8.91
N MET B 40 -2.61 0.17 -9.29
CA MET B 40 -1.92 -0.49 -10.40
C MET B 40 -1.90 -2.02 -10.25
N TYR B 41 -1.60 -2.50 -9.03
CA TYR B 41 -1.55 -3.95 -8.77
C TYR B 41 -2.77 -4.50 -8.05
N TRP B 42 -3.87 -3.77 -8.02
CA TRP B 42 -5.09 -4.25 -7.42
C TRP B 42 -5.46 -5.61 -8.01
N PRO B 43 -5.76 -6.62 -7.17
CA PRO B 43 -6.09 -7.95 -7.69
C PRO B 43 -7.35 -7.95 -8.60
N SER B 44 -7.20 -8.43 -9.82
CA SER B 44 -8.34 -8.48 -10.75
C SER B 44 -9.41 -9.51 -10.34
N SER B 45 -9.09 -10.41 -9.42
CA SER B 45 -10.07 -11.35 -8.86
C SER B 45 -11.14 -10.66 -8.04
N VAL B 46 -10.86 -9.46 -7.54
CA VAL B 46 -11.79 -8.75 -6.66
C VAL B 46 -12.88 -8.06 -7.50
N PRO B 47 -14.16 -8.30 -7.18
CA PRO B 47 -15.21 -7.75 -8.04
C PRO B 47 -15.39 -6.23 -7.98
N VAL B 48 -15.00 -5.61 -6.87
CA VAL B 48 -15.14 -4.16 -6.70
C VAL B 48 -13.95 -3.47 -7.36
N GLN B 49 -14.22 -2.41 -8.13
CA GLN B 49 -13.22 -1.77 -8.99
C GLN B 49 -12.59 -0.52 -8.39
N PRO B 50 -11.34 -0.23 -8.78
CA PRO B 50 -10.64 0.98 -8.30
C PRO B 50 -11.43 2.27 -8.36
N GLU B 51 -12.12 2.55 -9.47
CA GLU B 51 -12.85 3.80 -9.56
C GLU B 51 -13.84 3.99 -8.41
N GLN B 52 -14.58 2.94 -8.06
CA GLN B 52 -15.58 3.07 -6.99
C GLN B 52 -14.91 3.23 -5.63
N LEU B 53 -13.79 2.56 -5.42
CA LEU B 53 -13.05 2.67 -4.17
C LEU B 53 -12.43 4.06 -4.01
N ALA B 54 -11.74 4.53 -5.04
CA ALA B 54 -11.10 5.82 -5.00
C ALA B 54 -12.11 6.95 -4.84
N SER B 55 -13.27 6.82 -5.47
CA SER B 55 -14.33 7.82 -5.34
C SER B 55 -14.82 7.94 -3.91
N ALA B 56 -14.77 6.86 -3.15
CA ALA B 56 -15.20 6.85 -1.76
C ALA B 56 -14.08 7.14 -0.77
N GLY B 57 -12.92 7.59 -1.25
CA GLY B 57 -11.82 8.03 -0.40
C GLY B 57 -10.73 7.02 -0.18
N PHE B 58 -10.86 5.82 -0.76
CA PHE B 58 -9.98 4.71 -0.46
C PHE B 58 -8.81 4.61 -1.45
N TYR B 59 -7.66 4.19 -0.93
CA TYR B 59 -6.50 3.86 -1.74
C TYR B 59 -5.95 2.49 -1.31
N TYR B 60 -5.25 1.84 -2.24
CA TYR B 60 -4.72 0.51 -2.02
C TYR B 60 -3.43 0.60 -1.25
N VAL B 61 -3.28 -0.23 -0.22
CA VAL B 61 -2.06 -0.24 0.59
C VAL B 61 -1.02 -1.28 0.14
N GLY B 62 -1.35 -2.03 -0.91
CA GLY B 62 -0.39 -2.94 -1.52
C GLY B 62 -0.35 -4.34 -0.96
N ARG B 63 -1.38 -4.73 -0.19
CA ARG B 63 -1.51 -6.08 0.38
C ARG B 63 -2.92 -6.58 0.18
N ASN B 64 -3.06 -7.82 -0.28
CA ASN B 64 -4.38 -8.47 -0.41
C ASN B 64 -5.36 -7.54 -1.14
N ASP B 65 -6.55 -7.30 -0.59
CA ASP B 65 -7.47 -6.30 -1.13
C ASP B 65 -7.71 -5.20 -0.11
N ASP B 66 -6.67 -4.88 0.66
CA ASP B 66 -6.78 -3.93 1.76
C ASP B 66 -6.71 -2.50 1.24
N VAL B 67 -7.67 -1.69 1.66
CA VAL B 67 -7.68 -0.27 1.32
C VAL B 67 -7.85 0.55 2.58
N LYS B 68 -7.40 1.80 2.53
CA LYS B 68 -7.59 2.75 3.63
C LYS B 68 -8.15 4.05 3.11
N CYS B 69 -8.90 4.74 3.96
CA CYS B 69 -9.40 6.07 3.62
C CYS B 69 -8.33 7.12 3.91
N PHE B 70 -8.13 8.04 2.97
CA PHE B 70 -7.11 9.07 3.14
C PHE B 70 -7.44 10.01 4.28
N CYS B 71 -8.70 10.17 4.61
CA CYS B 71 -9.12 11.14 5.60
C CYS B 71 -9.14 10.54 6.99
N CYS B 72 -9.94 9.50 7.20
CA CYS B 72 -10.15 8.91 8.53
C CYS B 72 -9.22 7.75 8.88
N ASP B 73 -8.48 7.24 7.91
CA ASP B 73 -7.59 6.08 8.09
C ASP B 73 -8.31 4.77 8.36
N GLY B 74 -9.62 4.72 8.15
CA GLY B 74 -10.35 3.46 8.29
C GLY B 74 -9.93 2.48 7.21
N GLY B 75 -9.77 1.21 7.57
CA GLY B 75 -9.32 0.17 6.65
C GLY B 75 -10.42 -0.82 6.40
N LEU B 76 -10.57 -1.21 5.12
CA LEU B 76 -11.53 -2.24 4.71
C LEU B 76 -10.85 -3.29 3.83
N ARG B 77 -11.37 -4.52 3.92
CA ARG B 77 -10.86 -5.64 3.14
C ARG B 77 -11.98 -6.64 2.92
N CYS B 78 -11.65 -7.70 2.18
CA CYS B 78 -12.56 -8.80 1.88
C CYS B 78 -13.81 -8.29 1.15
N TRP B 79 -13.54 -7.54 0.09
CA TRP B 79 -14.57 -6.98 -0.78
C TRP B 79 -15.29 -8.09 -1.52
N GLU B 80 -16.62 -7.99 -1.58
CA GLU B 80 -17.45 -9.01 -2.23
C GLU B 80 -18.34 -8.38 -3.28
N SER B 81 -18.83 -9.22 -4.18
CA SER B 81 -19.71 -8.79 -5.25
C SER B 81 -20.90 -8.02 -4.67
N GLY B 82 -21.16 -6.86 -5.24
CA GLY B 82 -22.29 -6.05 -4.80
C GLY B 82 -21.98 -5.08 -3.67
N ASP B 83 -20.78 -5.13 -3.10
CA ASP B 83 -20.38 -4.18 -2.06
C ASP B 83 -20.29 -2.78 -2.64
N ASP B 84 -20.80 -1.80 -1.90
CA ASP B 84 -20.78 -0.40 -2.29
C ASP B 84 -19.82 0.32 -1.35
N PRO B 85 -18.65 0.77 -1.86
CA PRO B 85 -17.70 1.41 -0.94
C PRO B 85 -18.24 2.59 -0.12
N TRP B 86 -19.17 3.39 -0.62
CA TRP B 86 -19.72 4.48 0.19
C TRP B 86 -20.56 3.97 1.35
N VAL B 87 -21.35 2.92 1.11
CA VAL B 87 -22.15 2.30 2.16
C VAL B 87 -21.23 1.70 3.23
N GLU B 88 -20.20 0.98 2.82
CA GLU B 88 -19.24 0.41 3.76
C GLU B 88 -18.54 1.51 4.57
N HIS B 89 -18.20 2.62 3.93
CA HIS B 89 -17.58 3.76 4.61
C HIS B 89 -18.49 4.27 5.72
N ALA B 90 -19.77 4.43 5.42
CA ALA B 90 -20.74 4.92 6.42
C ALA B 90 -21.08 3.89 7.49
N LYS B 91 -21.04 2.61 7.13
CA LYS B 91 -21.35 1.54 8.08
C LYS B 91 -20.30 1.48 9.19
N TRP B 92 -19.03 1.55 8.81
CA TRP B 92 -17.93 1.32 9.75
C TRP B 92 -17.29 2.60 10.28
N PHE B 93 -17.27 3.67 9.47
CA PHE B 93 -16.53 4.90 9.81
C PHE B 93 -17.41 6.15 9.68
N PRO B 94 -18.53 6.17 10.40
CA PRO B 94 -19.53 7.22 10.17
C PRO B 94 -19.12 8.66 10.48
N ARG B 95 -18.10 8.86 11.33
CA ARG B 95 -17.63 10.21 11.67
C ARG B 95 -16.57 10.74 10.73
N CYS B 96 -16.24 10.01 9.68
CA CYS B 96 -15.27 10.50 8.71
C CYS B 96 -15.74 11.79 8.06
N GLU B 97 -14.90 12.82 8.10
CA GLU B 97 -15.26 14.12 7.56
C GLU B 97 -15.41 14.12 6.04
N PHE B 98 -14.59 13.35 5.32
CA PHE B 98 -14.71 13.26 3.87
C PHE B 98 -16.06 12.63 3.51
N LEU B 99 -16.40 11.53 4.15
CA LEU B 99 -17.71 10.89 4.00
C LEU B 99 -18.85 11.87 4.21
N ILE B 100 -18.81 12.61 5.31
CA ILE B 100 -19.88 13.52 5.64
C ILE B 100 -20.01 14.60 4.57
N ARG B 101 -18.90 15.19 4.15
CA ARG B 101 -18.99 16.26 3.15
C ARG B 101 -19.39 15.75 1.77
N MET B 102 -18.99 14.54 1.38
CA MET B 102 -19.32 14.03 0.06
C MET B 102 -20.73 13.46 -0.03
N LYS B 103 -21.18 12.78 1.01
CA LYS B 103 -22.46 12.07 0.97
C LYS B 103 -23.52 12.67 1.87
N GLY B 104 -23.11 13.44 2.87
CA GLY B 104 -24.03 14.11 3.76
C GLY B 104 -24.39 13.33 5.00
N GLN B 105 -24.68 14.06 6.07
CA GLN B 105 -25.05 13.43 7.33
C GLN B 105 -26.34 12.62 7.21
N GLU B 106 -27.26 13.04 6.35
CA GLU B 106 -28.50 12.28 6.16
C GLU B 106 -28.22 10.86 5.66
N PHE B 107 -27.34 10.73 4.68
CA PHE B 107 -26.91 9.41 4.19
C PHE B 107 -26.25 8.59 5.28
N VAL B 108 -25.34 9.20 6.03
CA VAL B 108 -24.66 8.46 7.09
C VAL B 108 -25.67 7.96 8.12
N ASP B 109 -26.59 8.82 8.51
CA ASP B 109 -27.61 8.46 9.49
C ASP B 109 -28.47 7.30 8.97
N GLU B 110 -28.80 7.32 7.68
CA GLU B 110 -29.59 6.25 7.05
C GLU B 110 -28.87 4.91 7.13
N ILE B 111 -27.60 4.88 6.77
CA ILE B 111 -26.83 3.65 6.80
C ILE B 111 -26.65 3.17 8.25
N GLN B 112 -26.33 4.09 9.15
CA GLN B 112 -26.17 3.75 10.58
C GLN B 112 -27.45 3.19 11.19
N GLY B 113 -28.60 3.67 10.74
CA GLY B 113 -29.89 3.18 11.21
C GLY B 113 -30.26 1.77 10.76
N ARG B 114 -29.52 1.23 9.79
CA ARG B 114 -29.73 -0.16 9.37
C ARG B 114 -29.12 -1.18 10.34
N TYR B 115 -28.04 -0.79 11.01
CA TYR B 115 -27.29 -1.70 11.89
C TYR B 115 -27.26 -1.18 13.32
#